data_5SSM
#
_entry.id   5SSM
#
_cell.length_a   88.688
_cell.length_b   88.688
_cell.length_c   39.291
_cell.angle_alpha   90.000
_cell.angle_beta   90.000
_cell.angle_gamma   90.000
#
_symmetry.space_group_name_H-M   'P 43'
#
loop_
_entity.id
_entity.type
_entity.pdbx_description
1 polymer 'Non-structural protein 3'
2 non-polymer '(1R,2R)-1-[(1H-benzimidazole-5-carbonyl)amino]-4-hydroxy-2,3-dihydro-1H-indene-2-carboxylic acid'
3 non-polymer '(1S,2S)-1-[(1H-benzimidazole-5-carbonyl)amino]-4-hydroxy-2,3-dihydro-1H-indene-2-carboxylic acid'
4 water water
#
_entity_poly.entity_id   1
_entity_poly.type   'polypeptide(L)'
_entity_poly.pdbx_seq_one_letter_code
;SMVNSFSGYLKLTDNVYIKNADIVEEAKKVKPTVVVNAANVYLKHGGGVAGALNKATNNAMQVESDDYIATNGPLKVGGS
CVLSGHNLAKHCLHVVGPNVNKGEDIQLLKSAYENFNQHEVLLAPLLSAGIFGADPIHSLRVCVDTVRTNVYLAVFDKNL
YDKLVSSFL
;
_entity_poly.pdbx_strand_id   A,B
#
loop_
_chem_comp.id
_chem_comp.type
_chem_comp.name
_chem_comp.formula
RRF non-polymer '(1R,2R)-1-[(1H-benzimidazole-5-carbonyl)amino]-4-hydroxy-2,3-dihydro-1H-indene-2-carboxylic acid' 'C18 H15 N3 O4'
RS0 non-polymer '(1S,2S)-1-[(1H-benzimidazole-5-carbonyl)amino]-4-hydroxy-2,3-dihydro-1H-indene-2-carboxylic acid' 'C18 H15 N3 O4'
#
# COMPACT_ATOMS: atom_id res chain seq x y z
N VAL A 3 19.00 7.63 13.96
N VAL A 3 19.17 7.39 13.92
CA VAL A 3 19.87 6.46 14.05
CA VAL A 3 20.03 6.22 13.96
C VAL A 3 19.05 5.22 14.40
C VAL A 3 19.25 5.00 14.46
N ASN A 4 19.28 4.13 13.68
N ASN A 4 19.19 3.95 13.64
CA ASN A 4 18.63 2.85 13.96
CA ASN A 4 18.56 2.67 13.95
C ASN A 4 19.69 1.75 14.04
C ASN A 4 19.65 1.58 14.07
N SER A 5 19.23 0.53 14.32
N SER A 5 19.22 0.32 14.20
CA SER A 5 20.11 -0.59 14.67
CA SER A 5 20.08 -0.80 14.62
C SER A 5 20.49 -1.46 13.48
C SER A 5 20.44 -1.76 13.48
N PHE A 6 20.05 -1.11 12.27
N PHE A 6 20.07 -1.46 12.25
CA PHE A 6 20.44 -1.91 11.10
CA PHE A 6 20.50 -2.24 11.09
C PHE A 6 21.91 -1.70 10.79
C PHE A 6 21.99 -2.07 10.85
N SER A 7 22.63 -2.82 10.58
N SER A 7 22.69 -3.17 10.53
CA SER A 7 24.08 -2.80 10.46
CA SER A 7 24.15 -3.17 10.39
C SER A 7 24.53 -3.52 9.20
C SER A 7 24.63 -3.74 9.06
N GLY A 8 25.57 -2.97 8.56
N GLY A 8 25.68 -3.13 8.52
CA GLY A 8 26.17 -3.64 7.43
CA GLY A 8 26.33 -3.55 7.29
C GLY A 8 25.46 -3.49 6.11
C GLY A 8 25.48 -3.41 6.05
N TYR A 9 24.53 -2.54 6.00
N TYR A 9 24.41 -2.63 6.12
CA TYR A 9 23.81 -2.32 4.76
CA TYR A 9 23.60 -2.39 4.93
C TYR A 9 24.59 -1.41 3.82
C TYR A 9 24.30 -1.43 3.98
N LEU A 10 24.45 -1.66 2.52
N LEU A 10 24.19 -1.72 2.67
CA LEU A 10 24.89 -0.73 1.50
CA LEU A 10 24.79 -0.92 1.60
C LEU A 10 23.74 0.21 1.19
C LEU A 10 23.79 0.15 1.18
N LYS A 11 24.04 1.51 1.10
N LYS A 11 24.17 1.44 1.32
CA LYS A 11 23.04 2.54 0.86
CA LYS A 11 23.29 2.56 0.95
C LYS A 11 22.86 2.71 -0.64
C LYS A 11 23.10 2.56 -0.56
N LEU A 12 21.66 2.43 -1.12
N LEU A 12 21.87 2.36 -1.01
CA LEU A 12 21.42 2.54 -2.55
CA LEU A 12 21.53 2.41 -2.43
C LEU A 12 20.95 3.90 -2.92
C LEU A 12 20.96 3.77 -2.89
N THR A 13 20.05 4.40 -2.12
CA THR A 13 19.46 5.71 -2.37
C THR A 13 19.29 6.42 -1.02
N ASP A 14 18.62 7.62 -1.00
N ASP A 14 18.65 7.56 -1.06
CA ASP A 14 18.31 8.33 0.24
CA ASP A 14 18.35 8.28 0.16
C ASP A 14 17.61 7.43 1.24
C ASP A 14 17.71 7.37 1.20
N ASN A 15 16.83 6.46 0.75
CA ASN A 15 15.95 5.70 1.66
C ASN A 15 15.99 4.19 1.53
N VAL A 16 16.75 3.65 0.58
CA VAL A 16 16.79 2.21 0.32
C VAL A 16 18.20 1.70 0.59
N TYR A 17 18.26 0.64 1.39
CA TYR A 17 19.49 -0.03 1.81
C TYR A 17 19.37 -1.51 1.49
N ILE A 18 20.49 -2.20 1.27
CA ILE A 18 20.45 -3.59 0.82
C ILE A 18 21.60 -4.38 1.45
N LYS A 19 21.33 -5.62 1.83
N LYS A 19 21.34 -5.68 1.73
CA LYS A 19 22.31 -6.40 2.55
CA LYS A 19 22.32 -6.57 2.34
C LYS A 19 22.10 -7.85 2.17
C LYS A 19 22.04 -8.01 1.87
N ASN A 20 23.19 -8.56 1.98
N ASN A 20 23.10 -8.82 1.79
CA ASN A 20 23.11 -10.01 1.79
CA ASN A 20 22.95 -10.25 1.51
C ASN A 20 22.86 -10.62 3.17
C ASN A 20 22.77 -10.98 2.83
N ALA A 21 21.63 -11.02 3.42
N ALA A 21 21.54 -11.39 3.13
CA ALA A 21 21.30 -11.53 4.75
CA ALA A 21 21.26 -12.04 4.40
C ALA A 21 20.06 -12.40 4.67
C ALA A 21 19.94 -12.79 4.29
N ASP A 22 19.97 -13.31 5.62
N ASP A 22 19.75 -13.74 5.20
CA ASP A 22 18.77 -14.11 5.84
CA ASP A 22 18.46 -14.40 5.36
C ASP A 22 17.80 -13.26 6.67
C ASP A 22 17.58 -13.48 6.21
N ILE A 23 16.64 -12.93 6.07
N ILE A 23 16.47 -13.00 5.63
CA ILE A 23 15.69 -12.04 6.73
CA ILE A 23 15.55 -12.06 6.30
C ILE A 23 15.25 -12.58 8.08
C ILE A 23 15.13 -12.57 7.71
N VAL A 24 15.20 -13.90 8.23
N VAL A 24 14.96 -13.88 7.87
CA VAL A 24 14.85 -14.49 9.52
CA VAL A 24 14.64 -14.48 9.17
C VAL A 24 15.90 -14.13 10.57
C VAL A 24 15.75 -14.20 10.20
N GLU A 25 17.17 -14.34 10.23
N GLU A 25 17.02 -14.48 9.86
CA GLU A 25 18.25 -14.04 11.16
CA GLU A 25 18.16 -14.24 10.77
C GLU A 25 18.37 -12.54 11.40
C GLU A 25 18.33 -12.76 11.06
N GLU A 26 18.17 -11.75 10.36
N GLU A 26 18.09 -11.93 10.06
CA GLU A 26 18.19 -10.32 10.53
CA GLU A 26 18.15 -10.50 10.26
C GLU A 26 17.00 -9.90 11.32
C GLU A 26 17.08 -10.05 11.25
N ALA A 27 15.85 -10.55 11.08
CA ALA A 27 14.75 -10.20 11.96
C ALA A 27 15.05 -10.57 13.41
N LYS A 28 15.56 -11.76 13.70
N LYS A 28 15.57 -11.81 13.59
CA LYS A 28 15.75 -12.08 15.13
CA LYS A 28 15.89 -12.34 14.91
C LYS A 28 16.73 -11.15 15.85
C LYS A 28 16.95 -11.51 15.62
N LYS A 29 17.71 -10.59 15.13
N LYS A 29 17.88 -10.94 14.85
CA LYS A 29 18.75 -9.77 15.75
CA LYS A 29 18.97 -10.15 15.40
C LYS A 29 18.32 -8.32 15.94
C LYS A 29 18.52 -8.70 15.68
N VAL A 30 17.62 -7.75 14.96
N VAL A 30 17.79 -8.09 14.76
CA VAL A 30 17.24 -6.35 15.03
CA VAL A 30 17.39 -6.68 14.84
C VAL A 30 15.94 -6.14 15.81
C VAL A 30 16.11 -6.48 15.64
N LYS A 31 15.03 -7.11 15.75
N LYS A 31 15.14 -7.39 15.51
CA LYS A 31 13.70 -6.99 16.30
CA LYS A 31 13.82 -7.23 16.09
C LYS A 31 13.11 -5.77 15.66
C LYS A 31 13.23 -5.88 15.64
N PRO A 32 13.08 -5.68 14.34
CA PRO A 32 12.60 -4.42 13.78
C PRO A 32 11.14 -4.22 14.14
N THR A 33 10.73 -2.96 14.05
CA THR A 33 9.32 -2.63 14.24
C THR A 33 8.46 -3.38 13.23
N VAL A 34 8.89 -3.45 11.98
CA VAL A 34 8.13 -4.08 10.90
C VAL A 34 9.06 -4.98 10.09
N VAL A 35 8.69 -6.26 9.97
CA VAL A 35 9.25 -7.15 8.96
C VAL A 35 8.17 -7.40 7.92
N VAL A 36 8.54 -7.34 6.64
CA VAL A 36 7.61 -7.62 5.55
C VAL A 36 7.70 -9.09 5.18
N ASN A 37 6.53 -9.70 5.07
CA ASN A 37 6.41 -11.06 4.53
C ASN A 37 5.96 -10.99 3.07
N ALA A 38 6.58 -11.84 2.25
CA ALA A 38 6.17 -12.08 0.86
C ALA A 38 5.01 -13.07 0.87
N ALA A 39 3.81 -12.54 1.14
CA ALA A 39 2.62 -13.34 1.34
C ALA A 39 1.90 -13.63 0.04
N ASN A 40 1.01 -14.62 0.10
CA ASN A 40 -0.03 -14.81 -0.91
C ASN A 40 -1.38 -14.40 -0.31
N VAL A 41 -2.40 -14.34 -1.18
CA VAL A 41 -3.68 -13.80 -0.75
C VAL A 41 -4.34 -14.63 0.34
N TYR A 42 -3.98 -15.91 0.45
CA TYR A 42 -4.56 -16.81 1.45
C TYR A 42 -3.75 -16.84 2.73
N LEU A 43 -2.65 -16.09 2.78
CA LEU A 43 -1.71 -16.16 3.90
C LEU A 43 -1.32 -17.60 4.24
N LYS A 44 -1.09 -18.42 3.23
N LYS A 44 -1.10 -18.39 3.18
CA LYS A 44 -0.59 -19.77 3.42
CA LYS A 44 -0.59 -19.75 3.30
C LYS A 44 0.92 -19.70 3.28
C LYS A 44 0.93 -19.68 3.18
N HIS A 45 1.62 -19.82 4.40
N HIS A 45 1.63 -19.79 4.31
CA HIS A 45 3.05 -19.53 4.46
CA HIS A 45 3.09 -19.60 4.36
C HIS A 45 3.87 -20.80 4.27
C HIS A 45 3.78 -20.95 4.22
N GLY A 46 3.84 -21.32 3.05
N GLY A 46 4.13 -21.31 2.98
CA GLY A 46 4.37 -22.65 2.82
CA GLY A 46 4.71 -22.61 2.73
C GLY A 46 5.83 -22.73 2.41
C GLY A 46 6.20 -22.59 2.41
N GLY A 47 6.35 -21.68 1.78
N GLY A 47 6.65 -21.67 1.55
CA GLY A 47 7.70 -21.74 1.27
CA GLY A 47 8.03 -21.64 1.11
C GLY A 47 8.22 -20.35 0.98
C GLY A 47 8.51 -20.22 0.91
N GLY A 48 9.43 -20.29 0.43
N GLY A 48 9.81 -20.09 0.60
CA GLY A 48 10.05 -19.01 0.23
CA GLY A 48 10.40 -18.77 0.43
C GLY A 48 10.21 -18.26 1.53
C GLY A 48 10.40 -17.97 1.73
N VAL A 49 10.21 -16.93 1.43
N VAL A 49 10.33 -16.64 1.60
CA VAL A 49 10.34 -16.10 2.62
CA VAL A 49 10.28 -15.76 2.78
C VAL A 49 9.25 -16.41 3.63
C VAL A 49 9.19 -16.20 3.74
N ALA A 50 8.01 -16.57 3.16
N ALA A 50 7.97 -16.37 3.23
CA ALA A 50 6.89 -16.79 4.08
CA ALA A 50 6.83 -16.70 4.06
C ALA A 50 7.07 -18.11 4.85
C ALA A 50 7.04 -17.99 4.85
N GLY A 51 7.43 -19.18 4.16
N GLY A 51 7.46 -19.06 4.19
CA GLY A 51 7.64 -20.43 4.86
CA GLY A 51 7.69 -20.31 4.91
C GLY A 51 8.75 -20.34 5.89
C GLY A 51 8.84 -20.21 5.88
N ALA A 52 9.81 -19.58 5.59
N ALA A 52 9.91 -19.49 5.49
CA ALA A 52 10.91 -19.40 6.53
CA ALA A 52 11.06 -19.34 6.37
C ALA A 52 10.50 -18.55 7.72
C ALA A 52 10.72 -18.54 7.62
N LEU A 53 9.83 -17.42 7.49
N LEU A 53 10.03 -17.41 7.48
CA LEU A 53 9.38 -16.60 8.61
CA LEU A 53 9.59 -16.65 8.65
C LEU A 53 8.44 -17.39 9.50
C LEU A 53 8.64 -17.48 9.50
N ASN A 54 7.48 -18.11 8.90
N ASN A 54 7.63 -18.08 8.87
CA ASN A 54 6.51 -18.84 9.70
CA ASN A 54 6.64 -18.83 9.66
C ASN A 54 7.19 -19.95 10.50
C ASN A 54 7.31 -19.94 10.45
N LYS A 55 8.13 -20.67 9.90
N LYS A 55 8.20 -20.69 9.80
CA LYS A 55 8.86 -21.71 10.62
CA LYS A 55 8.93 -21.73 10.52
C LYS A 55 9.57 -21.11 11.81
C LYS A 55 9.64 -21.17 11.74
N ALA A 56 10.21 -19.96 11.60
CA ALA A 56 10.91 -19.33 12.71
C ALA A 56 9.97 -18.93 13.85
N THR A 57 8.68 -18.75 13.57
CA THR A 57 7.68 -18.48 14.61
C THR A 57 7.06 -19.75 15.17
N ASN A 58 7.58 -20.93 14.82
CA ASN A 58 7.02 -22.20 15.30
C ASN A 58 5.57 -22.35 14.87
N ASN A 59 5.21 -21.83 13.69
CA ASN A 59 3.88 -21.92 13.08
C ASN A 59 2.88 -20.95 13.71
N ALA A 60 3.30 -20.10 14.66
CA ALA A 60 2.34 -19.16 15.22
C ALA A 60 1.87 -18.15 14.19
N MET A 61 2.73 -17.77 13.26
CA MET A 61 2.31 -16.89 12.17
C MET A 61 1.15 -17.50 11.38
N GLN A 62 1.27 -18.80 11.04
CA GLN A 62 0.21 -19.47 10.29
C GLN A 62 -1.08 -19.53 11.08
N VAL A 63 -1.00 -19.83 12.37
CA VAL A 63 -2.21 -19.90 13.20
C VAL A 63 -2.92 -18.56 13.23
N GLU A 64 -2.16 -17.48 13.45
CA GLU A 64 -2.75 -16.15 13.45
C GLU A 64 -3.34 -15.81 12.08
N SER A 65 -2.62 -16.18 11.02
CA SER A 65 -3.07 -15.89 9.66
C SER A 65 -4.36 -16.62 9.34
N ASP A 66 -4.49 -17.88 9.76
CA ASP A 66 -5.71 -18.61 9.47
C ASP A 66 -6.92 -17.96 10.13
N ASP A 67 -6.75 -17.48 11.36
CA ASP A 67 -7.84 -16.74 12.00
C ASP A 67 -8.15 -15.46 11.24
N TYR A 68 -7.13 -14.74 10.77
CA TYR A 68 -7.35 -13.52 9.99
C TYR A 68 -8.18 -13.81 8.74
N ILE A 69 -7.81 -14.86 7.99
CA ILE A 69 -8.55 -15.18 6.76
C ILE A 69 -9.96 -15.64 7.08
N ALA A 70 -10.13 -16.43 8.13
CA ALA A 70 -11.47 -16.88 8.49
C ALA A 70 -12.39 -15.70 8.79
N THR A 71 -11.84 -14.62 9.35
CA THR A 71 -12.64 -13.44 9.65
C THR A 71 -12.82 -12.53 8.45
N ASN A 72 -11.75 -12.31 7.67
CA ASN A 72 -11.73 -11.23 6.69
C ASN A 72 -11.73 -11.69 5.24
N GLY A 73 -11.50 -12.96 4.96
CA GLY A 73 -11.32 -13.43 3.60
C GLY A 73 -9.95 -13.05 3.07
N PRO A 74 -9.68 -13.45 1.83
CA PRO A 74 -8.35 -13.27 1.26
C PRO A 74 -7.99 -11.82 1.05
N LEU A 75 -6.69 -11.58 1.00
CA LEU A 75 -6.18 -10.29 0.57
C LEU A 75 -6.36 -10.16 -0.94
N LYS A 76 -6.12 -8.94 -1.42
CA LYS A 76 -5.99 -8.64 -2.85
C LYS A 76 -4.52 -8.77 -3.26
N VAL A 77 -4.29 -9.21 -4.51
CA VAL A 77 -2.94 -9.06 -5.07
C VAL A 77 -2.62 -7.58 -5.14
N GLY A 78 -1.48 -7.19 -4.57
CA GLY A 78 -1.12 -5.80 -4.41
C GLY A 78 -1.46 -5.26 -3.03
N GLY A 79 -2.23 -6.01 -2.22
CA GLY A 79 -2.65 -5.57 -0.91
C GLY A 79 -1.78 -6.09 0.22
N SER A 80 -2.22 -5.78 1.44
CA SER A 80 -1.44 -6.12 2.62
C SER A 80 -2.34 -6.14 3.86
N CYS A 81 -1.82 -6.74 4.91
CA CYS A 81 -2.40 -6.58 6.23
C CYS A 81 -1.27 -6.58 7.26
N VAL A 82 -1.52 -5.95 8.39
CA VAL A 82 -0.59 -5.91 9.51
C VAL A 82 -1.03 -6.93 10.55
N LEU A 83 -0.15 -7.85 10.87
CA LEU A 83 -0.38 -8.83 11.91
C LEU A 83 0.82 -8.80 12.87
N SER A 84 0.81 -9.69 13.85
CA SER A 84 1.90 -9.75 14.80
C SER A 84 3.22 -10.13 14.12
N GLY A 85 4.33 -9.60 14.67
CA GLY A 85 5.65 -10.05 14.28
C GLY A 85 6.15 -11.21 15.09
N HIS A 86 5.38 -11.67 16.08
CA HIS A 86 5.75 -12.83 16.89
C HIS A 86 7.13 -12.59 17.49
N ASN A 87 8.03 -13.55 17.39
CA ASN A 87 9.37 -13.45 17.96
C ASN A 87 10.35 -12.75 17.04
N LEU A 88 9.90 -12.28 15.88
CA LEU A 88 10.79 -11.74 14.87
C LEU A 88 10.79 -10.22 14.78
N ALA A 89 9.70 -9.57 15.16
CA ALA A 89 9.49 -8.13 14.97
C ALA A 89 8.28 -7.73 15.81
N LYS A 90 8.03 -6.41 16.01
N LYS A 90 8.08 -6.44 15.96
CA LYS A 90 6.76 -5.98 16.63
CA LYS A 90 6.83 -6.01 16.59
C LYS A 90 5.59 -6.35 15.74
C LYS A 90 5.65 -6.43 15.72
N HIS A 91 5.72 -6.10 14.44
CA HIS A 91 4.64 -6.32 13.48
C HIS A 91 5.20 -7.03 12.26
N CYS A 92 4.34 -7.81 11.61
CA CYS A 92 4.62 -8.31 10.27
C CYS A 92 3.63 -7.69 9.30
N LEU A 93 4.15 -7.01 8.28
CA LEU A 93 3.34 -6.51 7.18
C LEU A 93 3.35 -7.58 6.10
N HIS A 94 2.22 -8.28 5.94
CA HIS A 94 2.08 -9.30 4.91
C HIS A 94 1.68 -8.59 3.63
N VAL A 95 2.54 -8.60 2.63
CA VAL A 95 2.30 -7.91 1.37
C VAL A 95 2.25 -8.92 0.24
N VAL A 96 1.23 -8.82 -0.61
CA VAL A 96 1.05 -9.74 -1.73
C VAL A 96 1.54 -9.07 -3.00
N GLY A 97 2.71 -9.45 -3.47
CA GLY A 97 3.17 -9.07 -4.78
C GLY A 97 2.56 -10.05 -5.78
N PRO A 98 2.53 -9.68 -7.03
N PRO A 98 2.44 -9.59 -7.05
CA PRO A 98 2.06 -10.63 -8.05
CA PRO A 98 1.95 -10.49 -8.10
C PRO A 98 2.99 -11.82 -8.17
C PRO A 98 2.92 -11.65 -8.31
N ASN A 99 2.40 -13.01 -8.34
N ASN A 99 2.36 -12.83 -8.49
CA ASN A 99 3.15 -14.24 -8.56
CA ASN A 99 3.13 -14.03 -8.81
C ASN A 99 3.12 -14.53 -10.05
C ASN A 99 2.96 -14.29 -10.31
N VAL A 100 4.27 -14.34 -10.71
N VAL A 100 3.95 -13.89 -11.14
CA VAL A 100 4.37 -14.58 -12.15
CA VAL A 100 3.80 -14.04 -12.60
C VAL A 100 4.03 -16.03 -12.47
C VAL A 100 3.78 -15.52 -13.04
N ASN A 101 4.38 -16.96 -11.59
N ASN A 101 4.24 -16.45 -12.19
CA ASN A 101 4.06 -18.36 -11.82
CA ASN A 101 4.13 -17.90 -12.41
C ASN A 101 2.58 -18.66 -11.65
C ASN A 101 2.69 -18.39 -12.22
N LYS A 102 1.75 -17.66 -11.32
N LYS A 102 1.85 -17.56 -11.59
CA LYS A 102 0.29 -17.75 -11.42
CA LYS A 102 0.47 -17.82 -11.23
C LYS A 102 -0.29 -16.86 -12.51
C LYS A 102 -0.47 -17.06 -12.18
N GLY A 103 0.54 -16.14 -13.27
N GLY A 103 0.10 -16.23 -13.07
CA GLY A 103 0.06 -15.30 -14.33
CA GLY A 103 -0.61 -15.52 -14.12
C GLY A 103 -0.41 -13.92 -13.91
C GLY A 103 -1.03 -14.11 -13.76
N GLU A 104 -0.04 -13.46 -12.72
N GLU A 104 -0.52 -13.57 -12.66
CA GLU A 104 -0.57 -12.21 -12.19
CA GLU A 104 -0.88 -12.26 -12.11
C GLU A 104 0.18 -11.01 -12.76
C GLU A 104 -0.12 -11.10 -12.80
N ASP A 105 -0.53 -9.90 -12.89
N ASP A 105 -0.71 -9.90 -12.70
CA ASP A 105 -0.04 -8.75 -13.65
CA ASP A 105 -0.30 -8.68 -13.42
C ASP A 105 1.10 -8.08 -12.89
C ASP A 105 0.93 -8.06 -12.76
N ILE A 106 2.27 -7.97 -13.54
N ILE A 106 2.07 -8.02 -13.48
CA ILE A 106 3.46 -7.45 -12.89
CA ILE A 106 3.31 -7.46 -12.92
C ILE A 106 3.29 -5.99 -12.50
C ILE A 106 3.15 -5.99 -12.56
N GLN A 107 2.40 -5.26 -13.19
N GLN A 107 2.24 -5.27 -13.24
CA GLN A 107 2.13 -3.88 -12.82
CA GLN A 107 1.95 -3.88 -12.92
C GLN A 107 1.62 -3.76 -11.40
C GLN A 107 1.45 -3.73 -11.49
N LEU A 108 1.00 -4.82 -10.87
CA LEU A 108 0.54 -4.78 -9.49
C LEU A 108 1.71 -4.72 -8.52
N LEU A 109 2.95 -4.89 -9.00
CA LEU A 109 4.10 -4.82 -8.11
C LEU A 109 4.24 -3.43 -7.50
N LYS A 110 3.98 -2.38 -8.28
CA LYS A 110 4.06 -1.02 -7.71
C LYS A 110 3.04 -0.85 -6.59
N SER A 111 1.80 -1.31 -6.82
CA SER A 111 0.78 -1.22 -5.77
C SER A 111 1.22 -1.97 -4.52
N ALA A 112 1.84 -3.13 -4.70
CA ALA A 112 2.32 -3.89 -3.54
C ALA A 112 3.34 -3.09 -2.75
N TYR A 113 4.33 -2.49 -3.44
CA TYR A 113 5.33 -1.69 -2.74
C TYR A 113 4.73 -0.44 -2.07
N GLU A 114 3.63 0.11 -2.59
CA GLU A 114 3.01 1.28 -1.97
C GLU A 114 2.62 1.01 -0.51
N ASN A 115 2.33 -0.24 -0.17
CA ASN A 115 1.99 -0.56 1.22
C ASN A 115 3.13 -0.19 2.15
N PHE A 116 4.37 -0.25 1.67
CA PHE A 116 5.51 0.05 2.54
C PHE A 116 5.48 1.50 3.03
N ASN A 117 4.85 2.41 2.26
CA ASN A 117 4.86 3.82 2.62
C ASN A 117 4.05 4.12 3.86
N GLN A 118 3.28 3.17 4.36
CA GLN A 118 2.51 3.37 5.59
C GLN A 118 3.35 3.10 6.85
N HIS A 119 4.64 2.79 6.68
CA HIS A 119 5.54 2.43 7.78
C HIS A 119 6.85 3.17 7.61
N GLU A 120 7.31 3.80 8.69
CA GLU A 120 8.49 4.65 8.61
C GLU A 120 9.75 3.87 8.29
N VAL A 121 9.89 2.66 8.83
CA VAL A 121 11.08 1.84 8.64
C VAL A 121 10.63 0.38 8.52
N LEU A 122 11.21 -0.35 7.56
CA LEU A 122 10.85 -1.76 7.36
C LEU A 122 12.09 -2.57 7.01
N LEU A 123 12.12 -3.81 7.48
CA LEU A 123 12.99 -4.87 6.98
C LEU A 123 12.17 -5.65 5.97
N ALA A 124 12.70 -5.89 4.79
N ALA A 124 12.66 -5.79 4.74
CA ALA A 124 11.81 -6.45 3.79
CA ALA A 124 11.78 -6.34 3.71
C ALA A 124 12.61 -7.29 2.81
C ALA A 124 12.54 -7.13 2.66
N PRO A 125 11.97 -8.25 2.19
N PRO A 125 11.82 -7.98 1.89
CA PRO A 125 12.54 -8.91 1.02
CA PRO A 125 12.39 -8.67 0.74
C PRO A 125 12.11 -8.15 -0.22
C PRO A 125 11.98 -7.97 -0.55
N LEU A 126 12.73 -8.50 -1.33
N LEU A 126 12.66 -8.25 -1.66
CA LEU A 126 12.27 -7.99 -2.62
CA LEU A 126 12.23 -7.76 -2.96
C LEU A 126 10.95 -8.66 -3.00
C LEU A 126 10.96 -8.52 -3.38
N LEU A 127 9.91 -7.85 -3.16
N LEU A 127 9.86 -7.82 -3.57
CA LEU A 127 8.60 -8.38 -3.47
CA LEU A 127 8.58 -8.48 -3.83
C LEU A 127 8.59 -9.03 -4.84
C LEU A 127 8.51 -9.02 -5.26
N SER A 128 7.87 -10.14 -4.94
N SER A 128 7.74 -10.09 -5.44
CA SER A 128 7.69 -10.92 -6.15
CA SER A 128 7.50 -10.77 -6.70
C SER A 128 8.97 -11.60 -6.63
C SER A 128 8.73 -11.53 -7.25
N ALA A 129 10.06 -11.53 -5.87
N ALA A 129 9.87 -11.50 -6.54
CA ALA A 129 11.28 -12.24 -6.22
CA ALA A 129 11.08 -12.18 -6.98
C ALA A 129 11.16 -13.70 -5.79
C ALA A 129 11.10 -13.60 -6.45
N GLY A 130 12.26 -14.45 -5.93
N GLY A 130 12.26 -14.27 -6.55
CA GLY A 130 12.27 -15.85 -5.49
CA GLY A 130 12.37 -15.66 -6.09
C GLY A 130 11.16 -16.63 -6.17
C GLY A 130 11.27 -16.52 -6.73
N ILE A 131 10.46 -17.46 -5.39
N ILE A 131 10.59 -17.30 -5.91
CA ILE A 131 9.46 -18.35 -5.96
CA ILE A 131 9.60 -18.26 -6.41
C ILE A 131 8.25 -17.63 -6.54
C ILE A 131 8.32 -17.61 -6.95
N PHE A 132 8.15 -16.31 -6.35
N PHE A 132 8.16 -16.29 -6.80
CA PHE A 132 7.09 -15.55 -7.01
CA PHE A 132 7.06 -15.54 -7.42
C PHE A 132 7.41 -15.21 -8.45
C PHE A 132 7.27 -15.30 -8.92
N GLY A 133 8.63 -15.48 -8.91
N GLY A 133 8.50 -15.49 -9.43
CA GLY A 133 8.92 -15.56 -10.33
CA GLY A 133 8.77 -15.57 -10.85
C GLY A 133 9.21 -14.26 -11.07
C GLY A 133 9.23 -14.31 -11.57
N ALA A 134 9.25 -13.13 -10.38
N ALA A 134 9.14 -13.12 -10.97
CA ALA A 134 9.62 -11.89 -11.06
CA ALA A 134 9.54 -11.91 -11.67
C ALA A 134 11.13 -11.70 -11.07
C ALA A 134 11.05 -11.68 -11.58
N ASP A 135 11.58 -10.82 -11.95
N ASP A 135 11.54 -10.76 -12.43
CA ASP A 135 13.00 -10.47 -12.04
CA ASP A 135 12.96 -10.38 -12.46
C ASP A 135 13.35 -9.61 -10.83
C ASP A 135 13.29 -9.56 -11.21
N PRO A 136 14.27 -10.05 -9.97
N PRO A 136 14.22 -10.01 -10.36
CA PRO A 136 14.61 -9.25 -8.79
CA PRO A 136 14.60 -9.21 -9.17
C PRO A 136 15.21 -7.89 -9.12
C PRO A 136 15.15 -7.83 -9.50
N ILE A 137 15.89 -7.75 -10.25
N ILE A 137 15.89 -7.69 -10.61
CA ILE A 137 16.39 -6.43 -10.66
CA ILE A 137 16.43 -6.39 -10.98
C ILE A 137 15.20 -5.47 -10.93
C ILE A 137 15.28 -5.42 -11.17
N HIS A 138 14.18 -5.91 -11.72
CA HIS A 138 12.97 -5.10 -11.88
C HIS A 138 12.32 -4.79 -10.54
N SER A 139 12.21 -5.79 -9.68
CA SER A 139 11.60 -5.55 -8.38
C SER A 139 12.36 -4.48 -7.59
N LEU A 140 13.70 -4.51 -7.65
CA LEU A 140 14.48 -3.50 -6.95
C LEU A 140 14.23 -2.12 -7.54
N ARG A 141 14.12 -2.03 -8.86
CA ARG A 141 13.83 -0.75 -9.50
C ARG A 141 12.49 -0.19 -9.05
N VAL A 142 11.44 -1.04 -9.07
CA VAL A 142 10.13 -0.58 -8.61
C VAL A 142 10.19 -0.17 -7.15
N CYS A 143 10.91 -0.94 -6.33
CA CYS A 143 11.04 -0.57 -4.92
C CYS A 143 11.61 0.84 -4.77
N VAL A 144 12.75 1.10 -5.43
CA VAL A 144 13.42 2.39 -5.30
C VAL A 144 12.56 3.51 -5.80
N ASP A 145 11.76 3.24 -6.84
CA ASP A 145 10.94 4.27 -7.47
C ASP A 145 9.56 4.42 -6.82
N THR A 146 9.23 3.60 -5.82
CA THR A 146 7.91 3.62 -5.20
C THR A 146 7.95 3.90 -3.72
N VAL A 147 8.87 3.26 -3.00
CA VAL A 147 8.93 3.38 -1.56
C VAL A 147 9.68 4.66 -1.21
N ARG A 148 9.08 5.45 -0.32
CA ARG A 148 9.64 6.69 0.16
C ARG A 148 10.08 6.61 1.61
N THR A 149 9.62 5.61 2.35
CA THR A 149 10.04 5.37 3.71
C THR A 149 11.34 4.56 3.69
N ASN A 150 11.91 4.31 4.86
CA ASN A 150 13.23 3.70 4.96
C ASN A 150 13.12 2.19 4.91
N VAL A 151 13.67 1.60 3.87
CA VAL A 151 13.55 0.17 3.63
C VAL A 151 14.92 -0.48 3.61
N TYR A 152 15.06 -1.54 4.41
CA TYR A 152 16.26 -2.34 4.55
C TYR A 152 15.95 -3.68 3.89
N LEU A 153 16.52 -3.89 2.71
CA LEU A 153 16.24 -5.08 1.91
C LEU A 153 17.25 -6.16 2.24
N ALA A 154 16.74 -7.29 2.67
N ALA A 154 16.75 -7.33 2.63
CA ALA A 154 17.54 -8.48 2.92
CA ALA A 154 17.58 -8.51 2.81
C ALA A 154 17.44 -9.41 1.72
C ALA A 154 17.40 -9.41 1.59
N VAL A 155 18.59 -9.70 1.12
N VAL A 155 18.51 -9.76 0.95
CA VAL A 155 18.66 -10.59 -0.03
CA VAL A 155 18.52 -10.58 -0.25
C VAL A 155 19.42 -11.84 0.39
C VAL A 155 19.16 -11.93 0.10
N PHE A 156 18.71 -12.97 0.37
N PHE A 156 18.40 -13.03 0.00
CA PHE A 156 19.28 -14.22 0.89
CA PHE A 156 18.89 -14.35 0.45
C PHE A 156 20.48 -14.69 0.06
C PHE A 156 20.10 -14.81 -0.37
N ASP A 157 20.36 -14.64 -1.26
N ASP A 157 20.00 -14.73 -1.69
CA ASP A 157 21.35 -15.23 -2.15
CA ASP A 157 21.00 -15.33 -2.59
C ASP A 157 22.50 -14.25 -2.39
C ASP A 157 22.20 -14.41 -2.77
N LYS A 158 23.72 -14.65 -2.03
N LYS A 158 23.39 -14.87 -2.36
CA LYS A 158 24.88 -13.77 -2.21
CA LYS A 158 24.58 -14.02 -2.44
C LYS A 158 25.09 -13.44 -3.68
C LYS A 158 24.92 -13.68 -3.89
N ASN A 159 25.01 -14.45 -4.55
N ASN A 159 24.79 -14.65 -4.81
CA ASN A 159 25.18 -14.21 -5.97
CA ASN A 159 25.05 -14.34 -6.21
C ASN A 159 24.17 -13.19 -6.49
C ASN A 159 24.04 -13.32 -6.77
N LEU A 160 22.91 -13.33 -6.10
N LEU A 160 22.78 -13.40 -6.37
CA LEU A 160 21.89 -12.40 -6.59
CA LEU A 160 21.83 -12.37 -6.80
C LEU A 160 22.16 -11.03 -6.12
C LEU A 160 22.18 -11.00 -6.19
N TYR A 161 22.51 -10.95 -4.87
CA TYR A 161 22.85 -9.69 -4.26
C TYR A 161 23.94 -8.98 -5.05
N ASP A 162 25.08 -9.60 -5.20
N ASP A 162 25.00 -9.73 -5.40
CA ASP A 162 26.12 -8.94 -5.99
CA ASP A 162 26.12 -9.13 -6.13
C ASP A 162 25.61 -8.50 -7.40
C ASP A 162 25.66 -8.60 -7.47
N LYS A 163 24.77 -9.32 -8.12
CA LYS A 163 24.22 -8.84 -9.41
C LYS A 163 23.33 -7.62 -9.24
N LEU A 164 22.50 -7.60 -8.19
CA LEU A 164 21.64 -6.45 -7.97
C LEU A 164 22.46 -5.19 -7.73
N VAL A 165 23.52 -5.30 -6.94
CA VAL A 165 24.39 -4.14 -6.68
C VAL A 165 25.07 -3.71 -7.97
N SER A 166 25.68 -4.66 -8.67
CA SER A 166 26.51 -4.31 -9.83
C SER A 166 25.69 -3.72 -10.96
N SER A 167 24.41 -4.10 -11.07
CA SER A 167 23.55 -3.62 -12.16
C SER A 167 22.68 -2.44 -11.76
N PHE A 168 22.82 -1.93 -10.53
CA PHE A 168 21.91 -0.89 -10.05
C PHE A 168 22.23 0.43 -10.71
N LEU A 169 21.18 1.12 -11.17
CA LEU A 169 21.39 2.41 -11.79
C LEU A 169 21.10 3.52 -10.80
N SER B 1 -28.71 -5.18 -13.17
N SER B 1 -28.77 -5.27 -13.00
CA SER B 1 -28.52 -3.95 -12.35
CA SER B 1 -28.51 -4.05 -12.19
C SER B 1 -27.34 -3.13 -12.81
C SER B 1 -27.31 -3.23 -12.66
N MET B 2 -27.46 -1.82 -12.62
N MET B 2 -27.47 -1.93 -12.45
CA MET B 2 -26.47 -0.84 -13.02
CA MET B 2 -26.58 -0.88 -12.93
C MET B 2 -25.71 -0.39 -11.80
C MET B 2 -25.73 -0.40 -11.75
N VAL B 3 -24.43 -0.70 -11.78
CA VAL B 3 -23.48 -0.19 -10.79
C VAL B 3 -22.32 0.46 -11.58
N ASN B 4 -21.64 1.39 -10.93
CA ASN B 4 -20.50 2.07 -11.55
C ASN B 4 -20.88 2.67 -12.90
N SER B 5 -22.05 3.29 -12.99
N SER B 5 -22.06 3.31 -12.96
CA SER B 5 -22.54 3.89 -14.22
CA SER B 5 -22.56 3.91 -14.20
C SER B 5 -22.23 5.38 -14.19
C SER B 5 -22.24 5.40 -14.21
N PHE B 6 -20.96 5.69 -14.41
CA PHE B 6 -20.46 7.05 -14.43
C PHE B 6 -20.75 7.67 -15.79
N SER B 7 -21.31 8.90 -15.77
N SER B 7 -21.34 8.85 -15.81
CA SER B 7 -21.69 9.60 -16.99
CA SER B 7 -21.65 9.51 -17.08
C SER B 7 -21.39 11.09 -16.85
C SER B 7 -21.34 11.00 -17.03
N GLY B 8 -21.03 11.72 -17.97
N GLY B 8 -20.85 11.51 -18.16
CA GLY B 8 -20.79 13.15 -17.99
CA GLY B 8 -20.61 12.93 -18.35
C GLY B 8 -19.45 13.56 -17.44
C GLY B 8 -19.32 13.40 -17.73
N TYR B 9 -18.49 12.66 -17.36
N TYR B 9 -18.39 12.49 -17.47
CA TYR B 9 -17.16 12.99 -16.89
CA TYR B 9 -17.08 12.89 -16.97
C TYR B 9 -16.24 13.36 -18.07
C TYR B 9 -16.16 13.29 -18.10
N LEU B 10 -15.30 14.25 -17.77
CA LEU B 10 -14.26 14.72 -18.66
C LEU B 10 -13.00 13.93 -18.36
N LYS B 11 -12.40 13.43 -19.42
N LYS B 11 -12.41 13.32 -19.40
CA LYS B 11 -11.20 12.63 -19.30
CA LYS B 11 -11.17 12.56 -19.27
C LYS B 11 -9.98 13.53 -19.12
C LYS B 11 -9.99 13.51 -19.11
N LEU B 12 -9.24 13.36 -18.03
CA LEU B 12 -7.97 14.09 -17.84
C LEU B 12 -6.77 13.25 -18.23
N THR B 13 -6.77 11.98 -17.83
CA THR B 13 -5.73 11.03 -18.21
C THR B 13 -6.44 9.73 -18.54
N ASP B 14 -5.68 8.69 -18.87
CA ASP B 14 -6.30 7.41 -19.21
C ASP B 14 -7.08 6.82 -18.03
N ASN B 15 -6.81 7.26 -16.79
CA ASN B 15 -7.50 6.70 -15.63
C ASN B 15 -8.13 7.72 -14.70
N VAL B 16 -8.00 9.02 -14.96
CA VAL B 16 -8.55 10.05 -14.09
C VAL B 16 -9.59 10.84 -14.87
N TYR B 17 -10.78 10.95 -14.30
CA TYR B 17 -11.94 11.58 -14.90
C TYR B 17 -12.50 12.59 -13.89
N ILE B 18 -13.17 13.63 -14.38
CA ILE B 18 -13.62 14.70 -13.49
C ILE B 18 -14.97 15.22 -13.96
N LYS B 19 -15.80 15.63 -13.00
CA LYS B 19 -17.15 16.12 -13.26
C LYS B 19 -17.52 17.17 -12.23
N ASN B 20 -18.25 18.17 -12.67
CA ASN B 20 -18.84 19.16 -11.77
C ASN B 20 -20.12 18.55 -11.22
N ALA B 21 -20.08 18.09 -9.97
CA ALA B 21 -21.18 17.33 -9.40
C ALA B 21 -21.07 17.32 -7.88
N ASP B 22 -22.23 17.16 -7.24
CA ASP B 22 -22.36 16.89 -5.81
C ASP B 22 -22.11 15.39 -5.59
N ILE B 23 -21.07 15.05 -4.82
CA ILE B 23 -20.66 13.65 -4.69
C ILE B 23 -21.76 12.77 -4.10
N VAL B 24 -22.60 13.32 -3.21
CA VAL B 24 -23.70 12.54 -2.67
C VAL B 24 -24.70 12.20 -3.77
N GLU B 25 -25.12 13.21 -4.54
N GLU B 25 -25.12 13.21 -4.54
CA GLU B 25 -26.05 12.95 -5.63
CA GLU B 25 -26.06 12.97 -5.63
C GLU B 25 -25.43 12.02 -6.65
C GLU B 25 -25.45 12.05 -6.69
N GLU B 26 -24.15 12.21 -6.96
CA GLU B 26 -23.46 11.32 -7.89
C GLU B 26 -23.47 9.90 -7.37
N ALA B 27 -23.15 9.71 -6.09
CA ALA B 27 -23.13 8.36 -5.54
C ALA B 27 -24.49 7.68 -5.68
N LYS B 28 -25.56 8.42 -5.40
CA LYS B 28 -26.89 7.80 -5.49
C LYS B 28 -27.26 7.45 -6.92
N LYS B 29 -26.74 8.18 -7.89
N LYS B 29 -26.77 8.22 -7.90
CA LYS B 29 -27.06 7.91 -9.28
CA LYS B 29 -27.04 7.97 -9.33
C LYS B 29 -26.14 6.85 -9.89
C LYS B 29 -26.15 6.86 -9.88
N VAL B 30 -24.84 6.94 -9.63
CA VAL B 30 -23.84 6.06 -10.23
C VAL B 30 -23.87 4.66 -9.63
N LYS B 31 -24.27 4.56 -8.37
N LYS B 31 -24.24 4.58 -8.38
CA LYS B 31 -24.20 3.32 -7.61
CA LYS B 31 -24.22 3.34 -7.63
C LYS B 31 -22.79 2.72 -7.64
C LYS B 31 -22.81 2.74 -7.66
N PRO B 32 -21.80 3.45 -7.16
CA PRO B 32 -20.42 2.96 -7.25
C PRO B 32 -20.14 1.84 -6.24
N THR B 33 -19.20 0.98 -6.61
CA THR B 33 -18.68 0.00 -5.66
C THR B 33 -18.01 0.71 -4.49
N VAL B 34 -17.30 1.81 -4.77
CA VAL B 34 -16.53 2.51 -3.75
C VAL B 34 -16.78 4.01 -3.86
N VAL B 35 -17.19 4.63 -2.77
CA VAL B 35 -17.12 6.08 -2.65
C VAL B 35 -16.05 6.41 -1.61
N VAL B 36 -15.22 7.39 -1.93
CA VAL B 36 -14.17 7.82 -1.03
C VAL B 36 -14.68 8.93 -0.13
N ASN B 37 -14.42 8.80 1.17
CA ASN B 37 -14.66 9.88 2.12
C ASN B 37 -13.36 10.60 2.43
N ALA B 38 -13.46 11.92 2.53
CA ALA B 38 -12.38 12.78 3.00
C ALA B 38 -12.40 12.76 4.53
N ALA B 39 -11.80 11.71 5.08
CA ALA B 39 -11.88 11.39 6.50
C ALA B 39 -10.76 12.05 7.30
N ASN B 40 -10.93 12.03 8.60
CA ASN B 40 -9.87 12.33 9.55
C ASN B 40 -9.57 11.07 10.36
N VAL B 41 -8.52 11.12 11.18
CA VAL B 41 -7.98 9.89 11.79
C VAL B 41 -8.97 9.26 12.76
N TYR B 42 -9.86 10.04 13.38
CA TYR B 42 -10.86 9.50 14.29
C TYR B 42 -12.22 9.30 13.64
N LEU B 43 -12.30 9.43 12.32
CA LEU B 43 -13.54 9.22 11.57
C LEU B 43 -14.69 10.00 12.19
N LYS B 44 -14.43 11.26 12.52
CA LYS B 44 -15.45 12.18 13.01
C LYS B 44 -15.91 13.01 11.82
N HIS B 45 -17.10 12.69 11.32
CA HIS B 45 -17.56 13.19 10.02
C HIS B 45 -18.36 14.47 10.21
N GLY B 46 -17.64 15.54 10.52
CA GLY B 46 -18.30 16.80 10.87
C GLY B 46 -18.66 17.71 9.72
N GLY B 47 -17.71 17.95 8.83
CA GLY B 47 -17.79 19.04 7.88
C GLY B 47 -17.43 18.57 6.48
N GLY B 48 -17.61 19.46 5.51
CA GLY B 48 -17.21 19.17 4.14
C GLY B 48 -17.81 17.88 3.64
N VAL B 49 -17.02 17.14 2.86
CA VAL B 49 -17.48 15.90 2.25
C VAL B 49 -17.96 14.92 3.31
N ALA B 50 -17.17 14.74 4.37
CA ALA B 50 -17.52 13.73 5.36
C ALA B 50 -18.86 14.05 6.02
N GLY B 51 -19.10 15.32 6.34
CA GLY B 51 -20.37 15.70 6.92
C GLY B 51 -21.52 15.42 5.99
N ALA B 52 -21.33 15.68 4.69
CA ALA B 52 -22.38 15.45 3.72
C ALA B 52 -22.66 13.97 3.53
N LEU B 53 -21.61 13.15 3.41
CA LEU B 53 -21.82 11.71 3.27
C LEU B 53 -22.52 11.16 4.51
N ASN B 54 -22.05 11.54 5.69
CA ASN B 54 -22.65 10.99 6.91
C ASN B 54 -24.12 11.41 7.01
N LYS B 55 -24.43 12.67 6.71
CA LYS B 55 -25.82 13.13 6.75
C LYS B 55 -26.68 12.32 5.79
N ALA B 56 -26.17 12.00 4.59
CA ALA B 56 -26.96 11.24 3.63
C ALA B 56 -27.29 9.86 4.18
N THR B 57 -26.41 9.30 5.03
CA THR B 57 -26.67 7.99 5.65
C THR B 57 -27.49 8.10 6.93
N ASN B 58 -28.01 9.28 7.25
CA ASN B 58 -28.80 9.46 8.47
C ASN B 58 -27.99 9.06 9.70
N ASN B 59 -26.70 9.39 9.69
CA ASN B 59 -25.76 9.19 10.79
C ASN B 59 -25.32 7.73 10.94
N ALA B 60 -25.75 6.82 10.07
CA ALA B 60 -25.33 5.44 10.19
C ALA B 60 -23.83 5.31 9.99
N MET B 61 -23.26 6.12 9.10
CA MET B 61 -21.82 6.10 8.88
C MET B 61 -21.07 6.46 10.16
N GLN B 62 -21.54 7.46 10.89
CA GLN B 62 -20.86 7.88 12.12
C GLN B 62 -20.94 6.79 13.19
N VAL B 63 -22.11 6.15 13.34
CA VAL B 63 -22.24 5.09 14.33
C VAL B 63 -21.27 3.95 14.02
N GLU B 64 -21.25 3.55 12.74
CA GLU B 64 -20.34 2.49 12.32
C GLU B 64 -18.89 2.89 12.52
N SER B 65 -18.57 4.15 12.22
CA SER B 65 -17.22 4.64 12.36
C SER B 65 -16.76 4.65 13.81
N ASP B 66 -17.63 5.08 14.72
CA ASP B 66 -17.26 5.09 16.14
C ASP B 66 -16.98 3.68 16.65
N ASP B 67 -17.76 2.70 16.20
CA ASP B 67 -17.49 1.31 16.57
C ASP B 67 -16.16 0.84 15.99
N TYR B 68 -15.86 1.19 14.74
CA TYR B 68 -14.57 0.86 14.14
C TYR B 68 -13.42 1.41 14.99
N ILE B 69 -13.54 2.68 15.42
CA ILE B 69 -12.49 3.31 16.21
C ILE B 69 -12.33 2.64 17.56
N ALA B 70 -13.45 2.27 18.19
CA ALA B 70 -13.36 1.60 19.48
C ALA B 70 -12.57 0.30 19.37
N THR B 71 -12.75 -0.41 18.26
CA THR B 71 -12.09 -1.69 18.06
C THR B 71 -10.65 -1.54 17.60
N ASN B 72 -10.38 -0.55 16.74
CA ASN B 72 -9.12 -0.48 16.00
C ASN B 72 -8.24 0.71 16.34
N GLY B 73 -8.77 1.73 17.01
CA GLY B 73 -8.03 2.96 17.20
C GLY B 73 -8.00 3.80 15.95
N PRO B 74 -7.41 4.98 16.06
CA PRO B 74 -7.39 5.93 14.95
C PRO B 74 -6.55 5.45 13.78
N LEU B 75 -6.91 5.93 12.60
CA LEU B 75 -6.11 5.74 11.40
C LEU B 75 -4.83 6.58 11.50
N LYS B 76 -3.91 6.32 10.58
CA LYS B 76 -2.75 7.16 10.35
C LYS B 76 -3.10 8.21 9.30
N VAL B 77 -2.55 9.41 9.43
CA VAL B 77 -2.61 10.36 8.31
C VAL B 77 -1.92 9.70 7.12
N GLY B 78 -2.61 9.66 5.97
CA GLY B 78 -2.14 8.94 4.81
C GLY B 78 -2.72 7.55 4.67
N GLY B 79 -3.41 7.06 5.71
CA GLY B 79 -4.01 5.74 5.69
C GLY B 79 -5.49 5.75 5.36
N SER B 80 -6.09 4.56 5.43
CA SER B 80 -7.49 4.39 5.06
C SER B 80 -8.07 3.17 5.74
N CYS B 81 -9.40 3.09 5.71
CA CYS B 81 -10.09 1.85 6.03
C CYS B 81 -11.33 1.75 5.15
N VAL B 82 -11.78 0.52 4.94
CA VAL B 82 -12.98 0.22 4.17
C VAL B 82 -14.10 -0.08 5.14
N LEU B 83 -15.21 0.66 5.01
CA LEU B 83 -16.42 0.42 5.79
C LEU B 83 -17.59 0.35 4.82
N SER B 84 -18.79 0.19 5.36
CA SER B 84 -19.98 0.13 4.50
C SER B 84 -20.20 1.45 3.78
N GLY B 85 -20.78 1.36 2.58
CA GLY B 85 -21.23 2.52 1.85
C GLY B 85 -22.69 2.86 2.07
N HIS B 86 -23.42 2.12 2.90
CA HIS B 86 -24.80 2.50 3.31
C HIS B 86 -25.66 2.70 2.07
N ASN B 87 -26.33 3.83 1.94
CA ASN B 87 -27.18 4.13 0.78
C ASN B 87 -26.42 4.82 -0.34
N LEU B 88 -25.09 4.89 -0.25
CA LEU B 88 -24.27 5.61 -1.22
C LEU B 88 -23.48 4.71 -2.15
N ALA B 89 -23.07 3.55 -1.68
CA ALA B 89 -22.10 2.73 -2.41
C ALA B 89 -22.07 1.39 -1.70
N LYS B 90 -21.45 0.41 -2.36
CA LYS B 90 -21.19 -0.84 -1.66
C LYS B 90 -20.28 -0.60 -0.46
N HIS B 91 -19.18 0.13 -0.69
CA HIS B 91 -18.19 0.43 0.34
C HIS B 91 -17.90 1.92 0.37
N CYS B 92 -17.53 2.39 1.55
CA CYS B 92 -16.89 3.70 1.67
C CYS B 92 -15.44 3.49 2.07
N LEU B 93 -14.52 4.00 1.25
CA LEU B 93 -13.11 4.04 1.56
C LEU B 93 -12.82 5.36 2.27
N HIS B 94 -12.59 5.29 3.58
CA HIS B 94 -12.29 6.47 4.38
C HIS B 94 -10.79 6.72 4.28
N VAL B 95 -10.39 7.79 3.60
CA VAL B 95 -8.98 8.09 3.36
C VAL B 95 -8.62 9.38 4.07
N VAL B 96 -7.53 9.36 4.81
CA VAL B 96 -7.08 10.54 5.57
C VAL B 96 -5.96 11.23 4.80
N GLY B 97 -6.30 12.33 4.14
CA GLY B 97 -5.29 13.22 3.61
C GLY B 97 -4.84 14.17 4.70
N PRO B 98 -3.66 14.75 4.52
CA PRO B 98 -3.18 15.75 5.48
C PRO B 98 -4.06 16.99 5.47
N ASN B 99 -4.28 17.52 6.65
N ASN B 99 -4.37 17.49 6.67
CA ASN B 99 -5.04 18.74 6.84
CA ASN B 99 -5.12 18.74 6.87
C ASN B 99 -4.04 19.86 7.08
C ASN B 99 -4.13 19.90 7.10
N VAL B 100 -3.81 20.64 6.03
CA VAL B 100 -2.89 21.79 6.09
C VAL B 100 -3.41 22.85 7.05
N ASN B 101 -4.72 22.99 7.17
N ASN B 101 -4.75 22.95 7.21
CA ASN B 101 -5.25 23.92 8.15
CA ASN B 101 -5.35 23.90 8.17
C ASN B 101 -4.93 23.50 9.58
C ASN B 101 -5.10 23.48 9.62
N LYS B 102 -4.44 22.27 9.79
N LYS B 102 -4.62 22.27 9.83
CA LYS B 102 -3.98 21.80 11.09
CA LYS B 102 -4.13 21.83 11.14
C LYS B 102 -2.47 21.57 11.13
C LYS B 102 -2.61 21.66 11.13
N GLY B 103 -1.74 22.10 10.15
N GLY B 103 -1.95 22.15 10.07
CA GLY B 103 -0.30 22.00 10.16
CA GLY B 103 -0.51 22.15 9.95
C GLY B 103 0.27 20.67 9.73
C GLY B 103 0.13 20.82 9.61
N GLU B 104 -0.54 19.78 9.18
N GLU B 104 -0.61 19.89 9.00
CA GLU B 104 -0.06 18.46 8.79
CA GLU B 104 -0.08 18.58 8.66
C GLU B 104 0.69 18.54 7.47
C GLU B 104 0.74 18.66 7.37
N ASP B 105 1.64 17.62 7.30
N ASP B 105 1.63 17.68 7.19
CA ASP B 105 2.59 17.72 6.19
CA ASP B 105 2.58 17.76 6.08
C ASP B 105 1.89 17.38 4.88
C ASP B 105 1.85 17.36 4.79
N ILE B 106 1.84 18.36 3.98
N ILE B 106 1.66 18.36 3.92
CA ILE B 106 1.27 18.16 2.65
CA ILE B 106 1.12 18.14 2.58
C ILE B 106 1.97 17.02 1.91
C ILE B 106 1.85 17.01 1.86
N GLN B 107 3.21 16.70 2.27
N GLN B 107 3.11 16.74 2.23
CA GLN B 107 3.92 15.59 1.65
CA GLN B 107 3.85 15.64 1.63
C GLN B 107 3.18 14.26 1.83
C GLN B 107 3.16 14.29 1.81
N LEU B 108 2.32 14.13 2.84
CA LEU B 108 1.58 12.86 3.05
C LEU B 108 0.44 12.64 2.08
N LEU B 109 0.20 13.60 1.20
CA LEU B 109 -0.90 13.49 0.26
C LEU B 109 -0.68 12.35 -0.74
N LYS B 110 0.57 12.12 -1.14
CA LYS B 110 0.82 11.02 -2.07
C LYS B 110 0.48 9.68 -1.42
N SER B 111 0.90 9.47 -0.18
CA SER B 111 0.53 8.25 0.55
C SER B 111 -0.98 8.09 0.61
N ALA B 112 -1.69 9.19 0.86
CA ALA B 112 -3.15 9.11 0.95
C ALA B 112 -3.73 8.63 -0.37
N TYR B 113 -3.27 9.21 -1.49
CA TYR B 113 -3.81 8.79 -2.79
C TYR B 113 -3.43 7.34 -3.13
N GLU B 114 -2.30 6.83 -2.62
CA GLU B 114 -1.94 5.44 -2.94
C GLU B 114 -3.01 4.48 -2.48
N ASN B 115 -3.82 4.84 -1.48
CA ASN B 115 -4.90 3.95 -1.06
C ASN B 115 -5.86 3.67 -2.20
N PHE B 116 -6.03 4.63 -3.11
CA PHE B 116 -6.97 4.45 -4.19
C PHE B 116 -6.58 3.27 -5.09
N ASN B 117 -5.28 2.97 -5.16
CA ASN B 117 -4.80 1.91 -6.07
C ASN B 117 -5.23 0.52 -5.64
N GLN B 118 -5.80 0.36 -4.45
CA GLN B 118 -6.33 -0.92 -4.00
C GLN B 118 -7.75 -1.18 -4.49
N HIS B 119 -8.31 -0.29 -5.31
CA HIS B 119 -9.67 -0.42 -5.80
C HIS B 119 -9.69 -0.12 -7.30
N GLU B 120 -10.35 -0.98 -8.07
CA GLU B 120 -10.28 -0.84 -9.52
C GLU B 120 -10.98 0.41 -10.01
N VAL B 121 -12.05 0.83 -9.35
CA VAL B 121 -12.80 2.03 -9.73
C VAL B 121 -13.38 2.68 -8.48
N LEU B 122 -13.30 4.01 -8.41
CA LEU B 122 -13.76 4.78 -7.25
C LEU B 122 -14.41 6.08 -7.69
N LEU B 123 -15.44 6.49 -6.95
CA LEU B 123 -15.97 7.85 -6.97
C LEU B 123 -15.33 8.58 -5.80
N ALA B 124 -14.74 9.75 -6.05
CA ALA B 124 -13.91 10.37 -5.02
C ALA B 124 -13.96 11.89 -5.06
N PRO B 125 -13.69 12.53 -3.94
CA PRO B 125 -13.34 13.95 -3.90
C PRO B 125 -11.83 14.12 -4.02
N LEU B 126 -11.40 15.35 -4.26
CA LEU B 126 -9.98 15.67 -4.19
C LEU B 126 -9.52 15.68 -2.74
N LEU B 127 -8.53 14.86 -2.43
CA LEU B 127 -8.07 14.75 -1.06
C LEU B 127 -7.35 16.02 -0.62
N SER B 128 -7.51 16.34 0.65
CA SER B 128 -6.89 17.46 1.33
C SER B 128 -7.37 18.81 0.79
N ALA B 129 -8.38 18.83 -0.09
CA ALA B 129 -8.96 20.07 -0.60
C ALA B 129 -9.96 20.63 0.40
N GLY B 130 -10.52 21.80 0.06
CA GLY B 130 -11.63 22.35 0.81
C GLY B 130 -11.22 22.66 2.23
N ILE B 131 -12.00 22.14 3.18
CA ILE B 131 -11.79 22.46 4.58
C ILE B 131 -10.46 21.91 5.08
N PHE B 132 -9.81 21.01 4.32
CA PHE B 132 -8.48 20.52 4.69
C PHE B 132 -7.36 21.47 4.27
N GLY B 133 -7.63 22.46 3.39
CA GLY B 133 -6.72 23.58 3.20
C GLY B 133 -5.62 23.44 2.16
N ALA B 134 -5.48 22.30 1.49
CA ALA B 134 -4.49 22.18 0.43
C ALA B 134 -4.98 22.85 -0.84
N ASP B 135 -4.04 23.21 -1.71
CA ASP B 135 -4.38 23.75 -3.02
C ASP B 135 -5.03 22.64 -3.83
N PRO B 136 -6.29 22.79 -4.26
CA PRO B 136 -6.91 21.70 -5.05
C PRO B 136 -6.16 21.42 -6.33
N ILE B 137 -5.47 22.42 -6.92
CA ILE B 137 -4.71 22.17 -8.14
C ILE B 137 -3.57 21.20 -7.85
N HIS B 138 -2.95 21.36 -6.69
CA HIS B 138 -1.92 20.42 -6.28
C HIS B 138 -2.50 19.05 -5.98
N SER B 139 -3.68 18.99 -5.37
CA SER B 139 -4.27 17.70 -5.07
C SER B 139 -4.58 16.94 -6.35
N LEU B 140 -5.05 17.64 -7.38
CA LEU B 140 -5.31 16.98 -8.66
C LEU B 140 -4.00 16.49 -9.26
N ARG B 141 -2.94 17.28 -9.16
CA ARG B 141 -1.62 16.88 -9.63
C ARG B 141 -1.18 15.58 -8.98
N VAL B 142 -1.24 15.53 -7.66
CA VAL B 142 -0.82 14.33 -6.94
C VAL B 142 -1.72 13.15 -7.32
N CYS B 143 -3.03 13.39 -7.44
CA CYS B 143 -3.94 12.33 -7.86
C CYS B 143 -3.48 11.73 -9.19
N VAL B 144 -3.28 12.58 -10.17
CA VAL B 144 -2.92 12.11 -11.50
C VAL B 144 -1.58 11.37 -11.49
N ASP B 145 -0.65 11.83 -10.68
CA ASP B 145 0.68 11.26 -10.65
C ASP B 145 0.80 10.05 -9.74
N THR B 146 -0.27 9.69 -9.02
CA THR B 146 -0.22 8.61 -8.05
C THR B 146 -1.23 7.51 -8.31
N VAL B 147 -2.46 7.86 -8.69
CA VAL B 147 -3.51 6.88 -8.86
C VAL B 147 -3.39 6.28 -10.24
N ARG B 148 -3.44 4.95 -10.31
CA ARG B 148 -3.39 4.23 -11.57
C ARG B 148 -4.70 3.49 -11.86
N THR B 149 -5.55 3.30 -10.87
CA THR B 149 -6.88 2.72 -11.05
C THR B 149 -7.83 3.83 -11.51
N ASN B 150 -9.07 3.46 -11.81
CA ASN B 150 -9.98 4.40 -12.44
C ASN B 150 -10.66 5.25 -11.38
N VAL B 151 -10.37 6.54 -11.37
CA VAL B 151 -10.91 7.45 -10.37
C VAL B 151 -11.75 8.51 -11.05
N TYR B 152 -12.98 8.66 -10.56
CA TYR B 152 -13.98 9.60 -11.02
C TYR B 152 -14.13 10.65 -9.94
N LEU B 153 -13.61 11.84 -10.21
CA LEU B 153 -13.57 12.93 -9.25
C LEU B 153 -14.80 13.81 -9.40
N ALA B 154 -15.46 14.09 -8.27
CA ALA B 154 -16.61 14.98 -8.22
C ALA B 154 -16.18 16.28 -7.55
N VAL B 155 -16.39 17.39 -8.25
CA VAL B 155 -16.04 18.72 -7.78
C VAL B 155 -17.34 19.52 -7.73
N PHE B 156 -17.73 19.95 -6.53
CA PHE B 156 -19.04 20.58 -6.33
C PHE B 156 -19.14 21.95 -7.01
N ASP B 157 -18.17 22.81 -6.80
CA ASP B 157 -18.27 24.19 -7.27
C ASP B 157 -17.84 24.28 -8.74
N LYS B 158 -18.76 24.76 -9.57
N LYS B 158 -18.77 24.69 -9.63
CA LYS B 158 -18.47 24.91 -11.00
CA LYS B 158 -18.45 24.86 -11.07
C LYS B 158 -17.22 25.74 -11.24
C LYS B 158 -17.21 25.74 -11.27
N ASN B 159 -17.04 26.79 -10.45
CA ASN B 159 -15.91 27.69 -10.66
C ASN B 159 -14.59 27.02 -10.27
N LEU B 160 -14.58 26.16 -9.25
CA LEU B 160 -13.37 25.41 -8.94
C LEU B 160 -13.12 24.35 -10.02
N TYR B 161 -14.19 23.68 -10.48
CA TYR B 161 -14.07 22.71 -11.58
C TYR B 161 -13.39 23.37 -12.77
N ASP B 162 -13.89 24.55 -13.16
CA ASP B 162 -13.31 25.26 -14.30
C ASP B 162 -11.83 25.60 -14.06
N LYS B 163 -11.48 26.05 -12.86
CA LYS B 163 -10.08 26.34 -12.55
C LYS B 163 -9.23 25.09 -12.66
N LEU B 164 -9.73 23.95 -12.18
CA LEU B 164 -8.98 22.69 -12.24
C LEU B 164 -8.80 22.22 -13.68
N VAL B 165 -9.88 22.21 -14.46
CA VAL B 165 -9.82 21.72 -15.84
C VAL B 165 -8.97 22.65 -16.69
N SER B 166 -9.25 23.96 -16.59
CA SER B 166 -8.63 24.93 -17.48
C SER B 166 -7.12 24.99 -17.27
N SER B 167 -6.65 24.73 -16.05
CA SER B 167 -5.22 24.77 -15.72
C SER B 167 -4.52 23.42 -15.78
N PHE B 168 -5.24 22.32 -15.98
CA PHE B 168 -4.60 21.01 -15.98
C PHE B 168 -3.68 20.86 -17.19
N LEU B 169 -4.02 21.49 -18.31
N LEU B 169 -4.08 21.45 -18.31
CA LEU B 169 -3.23 21.37 -19.53
CA LEU B 169 -3.34 21.39 -19.55
C LEU B 169 -3.34 22.61 -20.40
C LEU B 169 -3.54 22.67 -20.34
C18 RRF C . 15.03 -18.03 3.55
C16 RRF C . 14.02 -18.46 1.42
C17 RRF C . 14.54 -18.92 2.62
C15 RRF C . 14.01 -17.10 1.18
C14 RRF C . 13.49 -16.66 -0.17
C12 RRF C . 13.30 -15.01 -1.95
C11 RRF C . 11.79 -14.80 -1.96
C10 RRF C . 10.82 -15.71 -1.58
C20 RRF C . 15.22 -20.04 4.32
C02 RRF C . 15.12 -13.32 -1.93
C03 RRF C . 13.90 -13.82 -2.68
C04 RRF C . 12.79 -12.79 -2.76
C05 RRF C . 11.46 -13.54 -2.45
C06 RRF C . 10.10 -13.21 -2.54
C08 RRF C . 9.13 -14.13 -2.15
C09 RRF C . 9.49 -15.38 -1.68
C22 RRF C . 15.02 -16.66 3.30
C23 RRF C . 14.50 -16.19 2.10
N13 RRF C . 13.77 -15.31 -0.63
N19 RRF C . 15.43 -18.76 4.59
N21 RRF C . 14.69 -20.14 3.14
O01 RRF C . 16.20 -13.97 -1.99
O07 RRF C . 9.67 -11.97 -3.03
O24 RRF C . 12.97 -17.47 -0.85
O25 RRF C . 15.08 -12.27 -1.23
H161 RRF C . 13.63 -19.16 0.69
H121 RRF C . 13.51 -15.87 -2.55
H101 RRF C . 11.10 -16.68 -1.20
H201 RRF C . 15.45 -20.87 4.95
H031 RRF C . 14.18 -14.15 -3.69
H041 RRF C . 12.96 -12.02 -2.00
H042 RRF C . 12.75 -12.37 -3.76
H081 RRF C . 8.07 -13.91 -2.21
H091 RRF C . 8.75 -16.08 -1.37
H221 RRF C . 15.39 -15.97 4.04
H231 RRF C . 14.47 -15.13 1.89
H131 RRF C . 14.24 -14.66 -0.04
H191 RRF C . 15.84 -18.42 5.42
H071 RRF C . 9.37 -12.11 -3.92
C02 RS0 D . 15.22 -12.95 -1.53
C03 RS0 D . 13.75 -13.18 -1.94
C04 RS0 D . 13.57 -13.03 -3.42
C05 RS0 D . 14.44 -14.20 -3.92
C06 RS0 D . 15.17 -14.39 -5.09
C08 RS0 D . 15.91 -15.55 -5.26
C09 RS0 D . 15.89 -16.53 -4.28
C10 RS0 D . 15.15 -16.34 -3.10
C11 RS0 D . 14.42 -15.18 -2.93
C12 RS0 D . 13.48 -14.65 -1.79
C14 RS0 D . 13.48 -16.63 -0.18
C15 RS0 D . 13.99 -17.11 1.17
C16 RS0 D . 14.01 -18.47 1.42
C17 RS0 D . 14.53 -18.91 2.63
C18 RS0 D . 15.01 -18.03 3.55
C20 RS0 D . 15.23 -20.03 4.31
C22 RS0 D . 15.02 -16.65 3.30
C23 RS0 D . 14.50 -16.20 2.10
N13 RS0 D . 13.83 -15.25 -0.54
N19 RS0 D . 15.44 -18.76 4.58
N21 RS0 D . 14.68 -20.15 3.13
O01 RS0 D . 15.86 -11.97 -1.98
O07 RS0 D . 15.16 -13.39 -6.05
O24 RS0 D . 12.90 -17.40 -0.88
O25 RS0 D . 15.80 -13.76 -0.76
H031 RS0 D . 13.06 -12.54 -1.39
H042 RS0 D . 12.53 -13.20 -3.70
H041 RS0 D . 13.97 -12.08 -3.77
H081 RS0 D . 16.50 -15.71 -6.17
H091 RS0 D . 16.45 -17.44 -4.40
H101 RS0 D . 15.14 -17.10 -2.34
H121 RS0 D . 12.45 -14.87 -2.04
H161 RS0 D . 13.63 -19.16 0.68
H201 RS0 D . 15.45 -20.87 4.95
H221 RS0 D . 15.39 -15.97 4.04
H231 RS0 D . 14.48 -15.14 1.89
H131 RS0 D . 14.33 -14.70 0.12
H191 RS0 D . 15.84 -18.42 5.42
H071 RS0 D . 14.95 -13.77 -6.89
#